data_6X10
#
_entry.id   6X10
#
_cell.length_a   175.177
_cell.length_b   175.177
_cell.length_c   123.402
_cell.angle_alpha   90.000
_cell.angle_beta   90.000
_cell.angle_gamma   120.000
#
_symmetry.space_group_name_H-M   'H 3 2'
#
loop_
_entity.id
_entity.type
_entity.pdbx_description
1 polymer 'N-acetyltransferase Eis'
2 non-polymer 4-[4-(4-chlorophenyl)-4-hydroxypiperidin-1-yl]-1-(4-fluorophenyl)butan-1-one
3 non-polymer 'SODIUM ION'
4 non-polymer GLYCEROL
5 non-polymer 'CHLORIDE ION'
6 water water
#
_entity_poly.entity_id   1
_entity_poly.type   'polypeptide(L)'
_entity_poly.pdbx_seq_one_letter_code
;MGSSHHHHHHSSGLVPRGSHMTVTLCSPTEDDWPGMFLLAAASFTDFIGPESATAWRTLVPTDGAVVVRDGAGPGSEVVG
MALYMDLRLTVPGEVVLPTAGLSFVAVAPTHRRRGLLRAMCAELHRRIADSGYPVAALHASEGGIYGRFGYGPATTLHEL
TVDRRFARFHADAPGGGLGGSSVRLVRPTEHRGEFEAIYERWRQQVPGGLLRPQVLWDELLAEAKAAPGGDRESFALLHP
DGYALYRVDRTDLKLARVSELRAVTADAHCALWRALIGLDSMERISIITHPQDPLPHLLTDTRLARTTWRQDGLWLRIMN
VPAALEARGYAHEVGEFSTVLEVSDGGRFALKIGDGRARCTPTDAAAEIEMDRDVLGSLYLGAHRASTLAAANRLRTKDS
QLLRRLDAAFASDVPVQTAFEF
;
_entity_poly.pdbx_strand_id   A
#
# COMPACT_ATOMS: atom_id res chain seq x y z
N VAL A 23 9.39 -32.68 5.28
CA VAL A 23 9.24 -31.26 4.82
C VAL A 23 10.56 -30.80 4.17
N THR A 24 10.53 -30.54 2.86
CA THR A 24 11.63 -29.91 2.09
C THR A 24 11.14 -28.57 1.51
N LEU A 25 12.01 -27.56 1.50
CA LEU A 25 11.72 -26.21 1.00
C LEU A 25 12.42 -26.01 -0.36
N CYS A 26 11.66 -25.86 -1.44
CA CYS A 26 12.15 -25.83 -2.85
C CYS A 26 11.50 -24.68 -3.62
N SER A 27 12.16 -24.20 -4.67
CA SER A 27 11.51 -23.41 -5.76
C SER A 27 10.57 -24.34 -6.49
N PRO A 28 9.31 -23.95 -6.75
CA PRO A 28 8.38 -24.86 -7.40
C PRO A 28 8.68 -25.07 -8.89
N THR A 29 8.49 -26.30 -9.38
CA THR A 29 8.43 -26.65 -10.82
C THR A 29 7.01 -26.39 -11.31
N GLU A 30 6.80 -26.36 -12.63
CA GLU A 30 5.48 -26.15 -13.26
C GLU A 30 4.47 -27.16 -12.69
N ASP A 31 4.93 -28.38 -12.38
CA ASP A 31 4.12 -29.50 -11.83
C ASP A 31 3.50 -29.13 -10.48
N ASP A 32 4.14 -28.23 -9.73
CA ASP A 32 3.74 -27.86 -8.35
C ASP A 32 2.54 -26.91 -8.36
N TRP A 33 2.26 -26.21 -9.46
CA TRP A 33 1.34 -25.04 -9.48
C TRP A 33 -0.12 -25.49 -9.30
N PRO A 34 -0.59 -26.62 -9.86
CA PRO A 34 -1.92 -27.13 -9.52
C PRO A 34 -2.13 -27.32 -8.01
N GLY A 35 -1.16 -27.93 -7.31
CA GLY A 35 -1.13 -28.08 -5.84
C GLY A 35 -1.11 -26.73 -5.11
N MET A 36 -0.40 -25.75 -5.68
CA MET A 36 -0.37 -24.36 -5.12
C MET A 36 -1.75 -23.71 -5.28
N PHE A 37 -2.40 -23.90 -6.44
CA PHE A 37 -3.77 -23.36 -6.69
C PHE A 37 -4.79 -24.05 -5.75
N LEU A 38 -4.62 -25.34 -5.41
CA LEU A 38 -5.49 -26.01 -4.40
C LEU A 38 -5.30 -25.34 -3.04
N LEU A 39 -4.06 -25.24 -2.55
CA LEU A 39 -3.75 -24.57 -1.26
C LEU A 39 -4.31 -23.12 -1.29
N ALA A 40 -4.18 -22.41 -2.42
CA ALA A 40 -4.64 -21.01 -2.57
C ALA A 40 -6.16 -20.95 -2.41
N ALA A 41 -6.90 -21.78 -3.15
CA ALA A 41 -8.38 -21.86 -3.12
C ALA A 41 -8.87 -22.15 -1.70
N ALA A 42 -8.16 -22.98 -0.94
CA ALA A 42 -8.53 -23.40 0.44
C ALA A 42 -8.12 -22.34 1.46
N SER A 43 -7.16 -21.45 1.12
CA SER A 43 -6.54 -20.46 2.03
C SER A 43 -7.17 -19.07 1.88
N PHE A 44 -7.56 -18.70 0.66
CA PHE A 44 -7.99 -17.32 0.31
C PHE A 44 -9.43 -17.34 -0.22
N THR A 45 -10.37 -16.84 0.57
CA THR A 45 -11.82 -16.75 0.19
C THR A 45 -11.95 -15.82 -1.02
N ASP A 46 -11.06 -14.83 -1.14
CA ASP A 46 -11.01 -13.88 -2.29
C ASP A 46 -10.12 -14.42 -3.41
N PHE A 47 -9.83 -15.73 -3.45
CA PHE A 47 -8.91 -16.33 -4.47
C PHE A 47 -9.44 -15.98 -5.87
N ILE A 48 -8.60 -15.34 -6.68
CA ILE A 48 -8.96 -14.78 -8.02
C ILE A 48 -9.13 -15.92 -9.04
N GLY A 49 -8.69 -17.14 -8.70
CA GLY A 49 -8.81 -18.34 -9.55
C GLY A 49 -7.55 -18.54 -10.41
N PRO A 50 -7.35 -19.77 -10.96
CA PRO A 50 -6.12 -20.10 -11.70
C PRO A 50 -5.81 -19.22 -12.91
N GLU A 51 -6.82 -18.80 -13.69
CA GLU A 51 -6.61 -17.92 -14.88
C GLU A 51 -5.99 -16.59 -14.43
N SER A 52 -6.61 -15.91 -13.46
CA SER A 52 -6.12 -14.60 -12.94
C SER A 52 -4.76 -14.79 -12.25
N ALA A 53 -4.61 -15.83 -11.43
CA ALA A 53 -3.36 -16.20 -10.72
C ALA A 53 -2.21 -16.32 -11.73
N THR A 54 -2.47 -16.91 -12.89
CA THR A 54 -1.48 -17.13 -13.99
C THR A 54 -1.07 -15.76 -14.56
N ALA A 55 -2.00 -14.81 -14.66
CA ALA A 55 -1.70 -13.42 -15.08
C ALA A 55 -0.71 -12.78 -14.10
N TRP A 56 -1.04 -12.76 -12.80
CA TRP A 56 -0.20 -12.16 -11.73
C TRP A 56 1.18 -12.83 -11.69
N ARG A 57 1.23 -14.15 -11.97
CA ARG A 57 2.49 -14.95 -12.01
C ARG A 57 3.53 -14.27 -12.91
N THR A 58 3.13 -13.54 -13.95
CA THR A 58 4.05 -12.87 -14.90
C THR A 58 4.87 -11.81 -14.15
N LEU A 59 4.46 -11.41 -12.94
CA LEU A 59 5.19 -10.42 -12.10
C LEU A 59 6.17 -11.11 -11.14
N VAL A 60 6.11 -12.44 -11.04
CA VAL A 60 7.00 -13.22 -10.13
C VAL A 60 8.27 -13.56 -10.89
N PRO A 61 9.46 -13.12 -10.43
CA PRO A 61 10.71 -13.45 -11.10
C PRO A 61 11.07 -14.94 -10.91
N THR A 62 12.00 -15.42 -11.74
CA THR A 62 12.44 -16.84 -11.86
C THR A 62 12.58 -17.55 -10.50
N ASP A 63 13.27 -16.97 -9.53
CA ASP A 63 13.45 -17.65 -8.22
C ASP A 63 12.66 -16.88 -7.15
N GLY A 64 11.48 -16.38 -7.52
CA GLY A 64 10.64 -15.52 -6.66
C GLY A 64 9.69 -16.32 -5.79
N ALA A 65 9.64 -17.66 -5.91
CA ALA A 65 8.67 -18.52 -5.21
C ALA A 65 9.37 -19.65 -4.45
N VAL A 66 8.81 -20.02 -3.30
CA VAL A 66 9.18 -21.21 -2.49
C VAL A 66 7.91 -22.03 -2.20
N VAL A 67 8.04 -23.36 -2.20
CA VAL A 67 6.99 -24.31 -1.72
C VAL A 67 7.61 -25.20 -0.66
N VAL A 68 6.77 -25.65 0.27
CA VAL A 68 7.08 -26.77 1.20
C VAL A 68 6.25 -27.97 0.73
N ARG A 69 6.90 -29.11 0.51
CA ARG A 69 6.26 -30.41 0.19
C ARG A 69 6.40 -31.34 1.38
N ASP A 70 5.39 -32.16 1.65
CA ASP A 70 5.39 -33.12 2.79
C ASP A 70 5.70 -34.51 2.24
N SER A 76 4.66 -35.73 -3.86
CA SER A 76 4.22 -35.23 -2.52
C SER A 76 3.40 -33.95 -2.70
N GLU A 77 2.57 -33.60 -1.71
CA GLU A 77 1.60 -32.48 -1.78
C GLU A 77 2.20 -31.20 -1.20
N VAL A 78 1.73 -30.06 -1.72
CA VAL A 78 2.14 -28.69 -1.31
C VAL A 78 1.39 -28.34 -0.03
N VAL A 79 2.14 -28.09 1.05
CA VAL A 79 1.60 -27.79 2.40
C VAL A 79 2.02 -26.38 2.83
N GLY A 80 2.89 -25.73 2.06
CA GLY A 80 3.29 -24.33 2.29
C GLY A 80 3.72 -23.67 1.01
N MET A 81 3.43 -22.38 0.86
CA MET A 81 3.93 -21.60 -0.30
C MET A 81 4.08 -20.14 0.09
N ALA A 82 4.96 -19.45 -0.64
CA ALA A 82 5.20 -18.00 -0.53
C ALA A 82 5.92 -17.55 -1.80
N LEU A 83 5.62 -16.35 -2.26
CA LEU A 83 6.37 -15.74 -3.37
C LEU A 83 6.47 -14.23 -3.17
N TYR A 84 7.22 -13.60 -4.06
CA TYR A 84 7.26 -12.13 -4.17
C TYR A 84 7.19 -11.77 -5.66
N MET A 85 6.63 -10.60 -5.90
CA MET A 85 6.52 -9.98 -7.24
C MET A 85 7.47 -8.78 -7.30
N ASP A 86 7.97 -8.51 -8.49
CA ASP A 86 8.80 -7.32 -8.77
C ASP A 86 7.88 -6.09 -8.86
N LEU A 87 7.94 -5.19 -7.87
CA LEU A 87 7.12 -3.96 -7.85
C LEU A 87 8.03 -2.73 -7.92
N ARG A 88 7.43 -1.58 -8.21
CA ARG A 88 8.09 -0.25 -8.15
C ARG A 88 7.26 0.62 -7.21
N LEU A 89 7.83 0.99 -6.07
CA LEU A 89 7.16 1.76 -4.99
C LEU A 89 7.70 3.19 -4.96
N THR A 90 6.80 4.18 -4.98
CA THR A 90 7.15 5.61 -4.81
C THR A 90 7.27 5.90 -3.31
N VAL A 91 8.34 6.59 -2.92
CA VAL A 91 8.61 6.99 -1.50
C VAL A 91 8.76 8.50 -1.50
N PRO A 92 8.76 9.17 -0.32
CA PRO A 92 8.84 10.63 -0.29
C PRO A 92 10.03 11.17 -1.11
N GLY A 93 9.80 12.29 -1.80
CA GLY A 93 10.72 12.90 -2.76
C GLY A 93 10.52 12.37 -4.17
N GLU A 94 9.41 11.68 -4.45
CA GLU A 94 9.09 11.09 -5.79
C GLU A 94 10.21 10.12 -6.23
N VAL A 95 10.85 9.45 -5.29
CA VAL A 95 11.89 8.42 -5.55
C VAL A 95 11.16 7.07 -5.69
N VAL A 96 11.46 6.34 -6.76
CA VAL A 96 10.85 5.00 -7.06
C VAL A 96 11.87 3.91 -6.70
N LEU A 97 11.53 3.05 -5.75
CA LEU A 97 12.39 1.92 -5.27
C LEU A 97 11.93 0.60 -5.87
N PRO A 98 12.88 -0.25 -6.35
CA PRO A 98 12.55 -1.64 -6.65
C PRO A 98 12.10 -2.25 -5.31
N THR A 99 10.95 -2.94 -5.31
CA THR A 99 10.29 -3.46 -4.09
C THR A 99 9.88 -4.91 -4.34
N ALA A 100 10.20 -5.80 -3.42
CA ALA A 100 9.74 -7.21 -3.41
C ALA A 100 8.38 -7.26 -2.71
N GLY A 101 7.32 -7.52 -3.46
CA GLY A 101 5.94 -7.60 -2.93
C GLY A 101 5.58 -9.03 -2.55
N LEU A 102 5.67 -9.38 -1.27
CA LEU A 102 5.29 -10.73 -0.79
C LEU A 102 3.79 -10.93 -1.00
N SER A 103 3.40 -12.14 -1.40
CA SER A 103 2.01 -12.48 -1.75
C SER A 103 1.83 -14.00 -1.78
N PHE A 104 0.57 -14.46 -1.81
CA PHE A 104 0.24 -15.88 -2.04
C PHE A 104 0.91 -16.70 -0.93
N VAL A 105 0.98 -16.17 0.29
CA VAL A 105 1.62 -16.83 1.46
C VAL A 105 0.55 -17.68 2.14
N ALA A 106 0.78 -18.99 2.26
CA ALA A 106 -0.20 -19.92 2.87
C ALA A 106 0.51 -21.14 3.46
N VAL A 107 0.01 -21.59 4.60
CA VAL A 107 0.36 -22.91 5.20
C VAL A 107 -0.94 -23.71 5.27
N ALA A 108 -0.87 -24.98 4.87
CA ALA A 108 -2.05 -25.88 4.87
C ALA A 108 -2.58 -26.00 6.30
N PRO A 109 -3.91 -26.12 6.48
CA PRO A 109 -4.50 -26.21 7.82
C PRO A 109 -4.05 -27.48 8.57
N THR A 110 -3.49 -28.44 7.83
CA THR A 110 -2.96 -29.73 8.31
C THR A 110 -1.55 -29.57 8.92
N HIS A 111 -0.85 -28.45 8.67
CA HIS A 111 0.59 -28.28 8.96
C HIS A 111 0.85 -26.98 9.74
N ARG A 112 -0.10 -26.54 10.57
CA ARG A 112 0.08 -25.35 11.44
C ARG A 112 1.13 -25.67 12.51
N ARG A 113 1.76 -24.62 13.07
CA ARG A 113 2.61 -24.68 14.29
C ARG A 113 3.81 -25.61 14.07
N ARG A 114 4.35 -25.67 12.84
CA ARG A 114 5.55 -26.49 12.49
C ARG A 114 6.66 -25.60 11.93
N GLY A 115 6.55 -24.27 12.11
CA GLY A 115 7.58 -23.29 11.72
C GLY A 115 7.70 -23.10 10.21
N LEU A 116 6.66 -23.45 9.45
CA LEU A 116 6.71 -23.41 7.96
C LEU A 116 6.73 -21.96 7.47
N LEU A 117 5.92 -21.07 8.07
CA LEU A 117 5.90 -19.65 7.70
C LEU A 117 7.30 -19.04 7.92
N ARG A 118 7.92 -19.32 9.08
CA ARG A 118 9.23 -18.76 9.46
C ARG A 118 10.29 -19.23 8.45
N ALA A 119 10.29 -20.53 8.12
CA ALA A 119 11.24 -21.13 7.16
C ALA A 119 11.08 -20.47 5.78
N MET A 120 9.84 -20.32 5.31
CA MET A 120 9.55 -19.75 3.96
C MET A 120 9.95 -18.26 3.92
N CYS A 121 9.58 -17.47 4.94
CA CYS A 121 9.93 -16.03 5.03
C CYS A 121 11.45 -15.85 5.09
N ALA A 122 12.17 -16.67 5.86
CA ALA A 122 13.64 -16.60 6.00
C ALA A 122 14.29 -16.83 4.64
N GLU A 123 13.82 -17.81 3.87
CA GLU A 123 14.39 -18.16 2.55
C GLU A 123 14.10 -17.02 1.57
N LEU A 124 12.85 -16.53 1.51
CA LEU A 124 12.50 -15.45 0.55
C LEU A 124 13.30 -14.18 0.87
N HIS A 125 13.46 -13.84 2.16
CA HIS A 125 14.21 -12.64 2.59
C HIS A 125 15.68 -12.75 2.15
N ARG A 126 16.28 -13.93 2.31
CA ARG A 126 17.66 -14.27 1.84
C ARG A 126 17.75 -13.92 0.35
N ARG A 127 16.84 -14.45 -0.46
CA ARG A 127 16.79 -14.27 -1.94
C ARG A 127 16.56 -12.79 -2.28
N ILE A 128 15.68 -12.12 -1.54
CA ILE A 128 15.30 -10.71 -1.80
C ILE A 128 16.52 -9.81 -1.53
N ALA A 129 17.18 -10.00 -0.39
CA ALA A 129 18.38 -9.24 0.03
C ALA A 129 19.52 -9.48 -0.98
N ASP A 130 19.79 -10.76 -1.31
CA ASP A 130 20.85 -11.16 -2.27
C ASP A 130 20.56 -10.58 -3.66
N SER A 131 19.29 -10.43 -4.02
CA SER A 131 18.88 -9.90 -5.35
C SER A 131 19.08 -8.39 -5.41
N GLY A 132 19.21 -7.70 -4.26
CA GLY A 132 19.53 -6.27 -4.19
C GLY A 132 18.30 -5.39 -4.04
N TYR A 133 17.18 -5.93 -3.54
CA TYR A 133 15.98 -5.11 -3.21
C TYR A 133 16.26 -4.39 -1.89
N PRO A 134 16.09 -3.06 -1.82
CA PRO A 134 16.26 -2.33 -0.56
C PRO A 134 15.07 -2.47 0.41
N VAL A 135 13.92 -2.83 -0.14
CA VAL A 135 12.61 -2.84 0.58
C VAL A 135 11.78 -4.06 0.13
N ALA A 136 11.08 -4.69 1.08
CA ALA A 136 10.00 -5.68 0.80
C ALA A 136 8.68 -5.11 1.33
N ALA A 137 7.56 -5.53 0.75
CA ALA A 137 6.22 -5.02 1.11
C ALA A 137 5.18 -6.14 1.04
N LEU A 138 4.11 -6.00 1.83
CA LEU A 138 2.94 -6.91 1.75
C LEU A 138 1.68 -6.22 2.29
N HIS A 139 0.53 -6.83 1.99
CA HIS A 139 -0.78 -6.59 2.65
C HIS A 139 -1.03 -7.77 3.60
N ALA A 140 -1.30 -7.47 4.86
CA ALA A 140 -1.38 -8.48 5.95
C ALA A 140 -2.82 -9.03 6.04
N SER A 141 -2.96 -10.36 6.08
CA SER A 141 -4.25 -11.06 6.34
C SER A 141 -4.70 -10.78 7.78
N GLU A 142 -3.76 -10.76 8.74
CA GLU A 142 -4.03 -10.39 10.16
C GLU A 142 -2.93 -9.44 10.64
N GLY A 143 -3.20 -8.64 11.68
CA GLY A 143 -2.28 -7.59 12.16
C GLY A 143 -1.15 -8.10 13.05
N GLY A 144 -1.22 -9.35 13.55
CA GLY A 144 -0.31 -9.86 14.60
C GLY A 144 0.79 -10.78 14.09
N ILE A 145 1.00 -10.87 12.78
CA ILE A 145 1.83 -11.94 12.15
C ILE A 145 3.20 -11.41 11.72
N TYR A 146 3.28 -10.24 11.07
CA TYR A 146 4.42 -9.86 10.21
C TYR A 146 5.40 -8.94 10.97
N GLY A 147 5.00 -8.34 12.08
CA GLY A 147 5.89 -7.53 12.94
C GLY A 147 7.17 -8.28 13.32
N ARG A 148 7.05 -9.57 13.62
CA ARG A 148 8.16 -10.40 14.12
C ARG A 148 9.14 -10.76 12.99
N PHE A 149 8.73 -10.61 11.73
CA PHE A 149 9.57 -10.79 10.52
C PHE A 149 10.06 -9.43 9.98
N GLY A 150 9.81 -8.35 10.72
CA GLY A 150 10.39 -7.01 10.47
C GLY A 150 9.54 -6.10 9.59
N TYR A 151 8.28 -6.46 9.33
CA TYR A 151 7.32 -5.62 8.57
C TYR A 151 6.60 -4.69 9.55
N GLY A 152 6.57 -3.40 9.22
CA GLY A 152 5.77 -2.39 9.95
C GLY A 152 4.68 -1.84 9.04
N PRO A 153 3.45 -1.61 9.56
CA PRO A 153 2.40 -0.98 8.76
C PRO A 153 2.83 0.45 8.40
N ALA A 154 2.80 0.79 7.11
CA ALA A 154 3.42 2.01 6.54
C ALA A 154 2.39 2.93 5.86
N THR A 155 1.19 2.43 5.53
CA THR A 155 0.06 3.24 5.01
C THR A 155 -1.20 2.89 5.82
N THR A 156 -2.14 3.82 5.88
CA THR A 156 -3.42 3.70 6.64
C THR A 156 -4.58 3.81 5.65
N LEU A 157 -5.41 2.76 5.59
CA LEU A 157 -6.70 2.75 4.89
C LEU A 157 -7.74 3.42 5.78
N HIS A 158 -8.51 4.31 5.19
CA HIS A 158 -9.54 5.13 5.84
C HIS A 158 -10.79 5.07 4.97
N GLU A 159 -11.83 4.35 5.40
CA GLU A 159 -13.13 4.32 4.67
C GLU A 159 -13.95 5.54 5.09
N LEU A 160 -14.33 6.37 4.12
CA LEU A 160 -15.33 7.46 4.28
C LEU A 160 -16.64 7.02 3.66
N THR A 161 -17.74 7.22 4.38
CA THR A 161 -19.12 7.02 3.89
C THR A 161 -19.81 8.38 3.90
N VAL A 162 -20.25 8.86 2.74
CA VAL A 162 -20.96 10.17 2.60
C VAL A 162 -22.45 9.89 2.44
N ASP A 163 -23.29 10.42 3.35
CA ASP A 163 -24.76 10.51 3.10
C ASP A 163 -24.98 11.67 2.14
N ARG A 164 -24.99 11.36 0.84
CA ARG A 164 -24.98 12.35 -0.25
C ARG A 164 -26.31 13.13 -0.29
N ARG A 165 -27.38 12.65 0.35
CA ARG A 165 -28.69 13.37 0.34
C ARG A 165 -28.53 14.73 1.02
N PHE A 166 -27.62 14.86 1.99
CA PHE A 166 -27.43 16.10 2.79
C PHE A 166 -26.24 16.90 2.27
N ALA A 167 -25.39 16.31 1.43
CA ALA A 167 -24.09 16.88 1.02
C ALA A 167 -24.32 18.13 0.17
N ARG A 168 -23.77 19.26 0.62
CA ARG A 168 -23.70 20.54 -0.13
C ARG A 168 -22.23 20.97 -0.18
N PHE A 169 -21.75 21.39 -1.34
CA PHE A 169 -20.36 21.87 -1.51
C PHE A 169 -20.22 23.27 -0.91
N HIS A 170 -19.10 23.49 -0.24
CA HIS A 170 -18.69 24.81 0.32
C HIS A 170 -18.56 25.82 -0.82
N ALA A 171 -18.91 27.08 -0.56
CA ALA A 171 -18.72 28.22 -1.48
C ALA A 171 -17.28 28.26 -2.01
N ASP A 172 -16.30 27.86 -1.21
CA ASP A 172 -14.86 27.84 -1.59
C ASP A 172 -14.52 26.66 -2.51
N ALA A 173 -15.34 25.61 -2.58
CA ALA A 173 -14.97 24.35 -3.29
C ALA A 173 -14.77 24.65 -4.77
N PRO A 174 -13.67 24.17 -5.41
CA PRO A 174 -13.46 24.37 -6.85
C PRO A 174 -14.61 23.88 -7.74
N GLY A 175 -14.78 24.53 -8.90
CA GLY A 175 -15.59 24.06 -10.04
C GLY A 175 -17.10 24.14 -9.79
N GLY A 176 -17.58 25.23 -9.19
CA GLY A 176 -19.01 25.53 -9.06
C GLY A 176 -19.53 26.22 -10.31
N SER A 181 -19.51 21.09 -17.86
CA SER A 181 -19.13 19.91 -17.04
C SER A 181 -17.81 19.32 -17.55
N SER A 182 -16.79 19.26 -16.69
CA SER A 182 -15.44 18.72 -17.01
C SER A 182 -15.43 17.19 -16.94
N VAL A 183 -16.40 16.57 -16.26
CA VAL A 183 -16.44 15.10 -15.97
C VAL A 183 -17.42 14.41 -16.92
N ARG A 184 -17.05 13.21 -17.37
CA ARG A 184 -17.87 12.36 -18.27
C ARG A 184 -18.17 11.03 -17.59
N LEU A 185 -19.43 10.59 -17.63
CA LEU A 185 -19.83 9.21 -17.27
C LEU A 185 -19.49 8.30 -18.45
N VAL A 186 -18.62 7.29 -18.25
CA VAL A 186 -18.15 6.42 -19.37
C VAL A 186 -18.11 4.97 -18.93
N ARG A 187 -18.03 4.07 -19.92
CA ARG A 187 -17.76 2.62 -19.74
C ARG A 187 -16.26 2.45 -19.55
N PRO A 188 -15.80 1.86 -18.43
CA PRO A 188 -14.37 1.71 -18.16
C PRO A 188 -13.59 1.08 -19.31
N THR A 189 -14.12 0.00 -19.92
CA THR A 189 -13.41 -0.81 -20.95
C THR A 189 -13.11 0.02 -22.19
N GLU A 190 -13.78 1.17 -22.38
CA GLU A 190 -13.65 2.01 -23.60
C GLU A 190 -12.62 3.13 -23.41
N HIS A 191 -12.08 3.33 -22.20
CA HIS A 191 -11.16 4.46 -21.89
C HIS A 191 -9.94 3.96 -21.12
N ARG A 192 -9.45 2.77 -21.44
CA ARG A 192 -8.29 2.12 -20.77
C ARG A 192 -7.09 3.06 -20.84
N GLY A 193 -6.75 3.52 -22.04
CA GLY A 193 -5.61 4.40 -22.32
C GLY A 193 -5.60 5.60 -21.39
N GLU A 194 -6.76 6.24 -21.22
CA GLU A 194 -6.89 7.46 -20.39
C GLU A 194 -6.65 7.12 -18.91
N PHE A 195 -7.22 6.01 -18.39
CA PHE A 195 -7.05 5.61 -16.97
C PHE A 195 -5.57 5.28 -16.71
N GLU A 196 -4.94 4.53 -17.63
CA GLU A 196 -3.49 4.16 -17.56
C GLU A 196 -2.66 5.44 -17.42
N ALA A 197 -2.88 6.42 -18.30
CA ALA A 197 -2.11 7.68 -18.35
C ALA A 197 -2.31 8.46 -17.04
N ILE A 198 -3.54 8.57 -16.55
CA ILE A 198 -3.83 9.31 -15.28
C ILE A 198 -3.16 8.59 -14.10
N TYR A 199 -3.36 7.27 -13.99
CA TYR A 199 -2.79 6.44 -12.90
C TYR A 199 -1.26 6.57 -12.90
N GLU A 200 -0.64 6.53 -14.07
CA GLU A 200 0.85 6.61 -14.23
C GLU A 200 1.33 7.95 -13.68
N ARG A 201 0.60 9.05 -13.92
CA ARG A 201 0.95 10.38 -13.38
C ARG A 201 0.77 10.37 -11.85
N TRP A 202 -0.34 9.79 -11.36
CA TRP A 202 -0.66 9.73 -9.91
C TRP A 202 0.45 8.95 -9.15
N ARG A 203 0.84 7.79 -9.65
CA ARG A 203 1.68 6.82 -8.88
C ARG A 203 3.10 7.37 -8.73
N GLN A 204 3.57 8.18 -9.68
CA GLN A 204 4.92 8.81 -9.66
C GLN A 204 4.95 9.99 -8.67
N GLN A 205 3.81 10.58 -8.31
CA GLN A 205 3.76 11.79 -7.44
C GLN A 205 3.48 11.45 -5.99
N VAL A 206 2.91 10.28 -5.69
CA VAL A 206 2.35 9.98 -4.35
C VAL A 206 3.16 8.87 -3.68
N PRO A 207 3.72 9.09 -2.47
CA PRO A 207 4.31 8.00 -1.69
C PRO A 207 3.27 6.91 -1.43
N GLY A 208 3.64 5.65 -1.62
CA GLY A 208 2.71 4.50 -1.63
C GLY A 208 2.33 4.12 -3.05
N GLY A 209 2.54 5.01 -4.02
CA GLY A 209 2.24 4.72 -5.44
C GLY A 209 2.98 3.48 -5.92
N LEU A 210 2.32 2.62 -6.71
CA LEU A 210 2.91 1.43 -7.35
C LEU A 210 2.69 1.53 -8.85
N LEU A 211 3.71 1.18 -9.64
CA LEU A 211 3.57 0.95 -11.09
C LEU A 211 2.53 -0.17 -11.26
N ARG A 212 1.53 0.06 -12.11
CA ARG A 212 0.48 -0.95 -12.38
C ARG A 212 0.76 -1.52 -13.76
N PRO A 213 1.37 -2.73 -13.87
CA PRO A 213 1.68 -3.33 -15.16
C PRO A 213 0.44 -3.68 -15.99
N GLN A 214 0.66 -3.94 -17.29
CA GLN A 214 -0.43 -4.19 -18.27
C GLN A 214 -1.32 -5.33 -17.78
N VAL A 215 -0.75 -6.42 -17.25
CA VAL A 215 -1.56 -7.59 -16.79
C VAL A 215 -2.54 -7.16 -15.69
N LEU A 216 -2.19 -6.21 -14.81
CA LEU A 216 -3.09 -5.78 -13.71
C LEU A 216 -4.19 -4.85 -14.24
N TRP A 217 -3.93 -4.08 -15.31
CA TRP A 217 -4.99 -3.33 -16.05
C TRP A 217 -5.96 -4.30 -16.73
N ASP A 218 -5.45 -5.40 -17.31
CA ASP A 218 -6.31 -6.48 -17.89
C ASP A 218 -7.27 -7.00 -16.81
N GLU A 219 -6.73 -7.33 -15.65
CA GLU A 219 -7.46 -7.92 -14.49
C GLU A 219 -8.49 -6.92 -13.96
N LEU A 220 -8.10 -5.64 -13.84
CA LEU A 220 -8.98 -4.59 -13.27
C LEU A 220 -10.21 -4.42 -14.16
N LEU A 221 -10.03 -4.35 -15.48
CA LEU A 221 -11.13 -4.08 -16.44
C LEU A 221 -12.02 -5.33 -16.61
N ALA A 222 -11.50 -6.52 -16.29
CA ALA A 222 -12.28 -7.78 -16.25
C ALA A 222 -13.23 -7.78 -15.05
N GLU A 223 -12.80 -7.24 -13.91
CA GLU A 223 -13.61 -7.14 -12.67
C GLU A 223 -14.60 -5.96 -12.75
N ALA A 224 -14.53 -5.15 -13.82
CA ALA A 224 -15.43 -3.99 -14.08
C ALA A 224 -16.76 -4.49 -14.68
N LYS A 225 -16.79 -5.74 -15.15
CA LYS A 225 -17.97 -6.38 -15.78
C LYS A 225 -18.90 -6.91 -14.68
N ALA A 226 -20.21 -6.91 -14.92
CA ALA A 226 -21.22 -7.57 -14.05
C ALA A 226 -20.98 -9.09 -14.10
N ALA A 227 -21.20 -9.77 -12.97
CA ALA A 227 -21.07 -11.24 -12.84
C ALA A 227 -22.43 -11.82 -12.44
N PRO A 228 -22.89 -12.92 -13.08
CA PRO A 228 -24.13 -13.59 -12.67
C PRO A 228 -24.03 -14.11 -11.22
N GLY A 229 -24.79 -13.50 -10.30
CA GLY A 229 -24.79 -13.82 -8.86
C GLY A 229 -23.73 -13.06 -8.09
N GLY A 230 -22.95 -12.20 -8.77
CA GLY A 230 -21.79 -11.49 -8.22
C GLY A 230 -21.97 -9.99 -8.30
N ASP A 231 -20.88 -9.27 -8.63
CA ASP A 231 -20.84 -7.79 -8.60
C ASP A 231 -21.71 -7.23 -9.74
N ARG A 232 -22.22 -6.02 -9.55
CA ARG A 232 -22.95 -5.27 -10.59
C ARG A 232 -21.91 -4.64 -11.53
N GLU A 233 -22.37 -4.12 -12.66
CA GLU A 233 -21.54 -3.42 -13.67
C GLU A 233 -20.84 -2.22 -13.01
N SER A 234 -19.55 -2.00 -13.32
CA SER A 234 -18.80 -0.80 -12.90
C SER A 234 -18.96 0.31 -13.94
N PHE A 235 -19.02 1.56 -13.48
CA PHE A 235 -19.01 2.75 -14.34
C PHE A 235 -17.80 3.58 -13.95
N ALA A 236 -17.42 4.52 -14.79
CA ALA A 236 -16.30 5.45 -14.52
C ALA A 236 -16.78 6.88 -14.71
N LEU A 237 -16.26 7.77 -13.88
CA LEU A 237 -16.29 9.24 -14.08
C LEU A 237 -14.88 9.67 -14.50
N LEU A 238 -14.76 10.27 -15.68
CA LEU A 238 -13.47 10.61 -16.32
C LEU A 238 -13.33 12.13 -16.44
N HIS A 239 -12.24 12.64 -15.88
CA HIS A 239 -11.76 14.05 -15.96
C HIS A 239 -10.40 14.00 -16.66
N PRO A 240 -9.96 15.07 -17.37
CA PRO A 240 -8.59 15.09 -17.92
C PRO A 240 -7.50 14.71 -16.90
N ASP A 241 -7.68 15.05 -15.62
CA ASP A 241 -6.65 14.92 -14.55
C ASP A 241 -7.12 14.01 -13.42
N GLY A 242 -8.11 13.14 -13.66
CA GLY A 242 -8.59 12.21 -12.62
C GLY A 242 -9.66 11.27 -13.11
N TYR A 243 -9.86 10.14 -12.43
CA TYR A 243 -10.98 9.21 -12.69
C TYR A 243 -11.42 8.61 -11.36
N ALA A 244 -12.68 8.17 -11.34
CA ALA A 244 -13.30 7.36 -10.28
C ALA A 244 -13.96 6.15 -10.95
N LEU A 245 -13.64 4.95 -10.47
CA LEU A 245 -14.36 3.68 -10.79
C LEU A 245 -15.31 3.39 -9.64
N TYR A 246 -16.58 3.11 -9.91
CA TYR A 246 -17.57 2.82 -8.85
C TYR A 246 -18.56 1.77 -9.34
N ARG A 247 -19.23 1.12 -8.39
CA ARG A 247 -20.39 0.26 -8.69
C ARG A 247 -21.35 0.28 -7.50
N VAL A 248 -22.61 -0.01 -7.80
CA VAL A 248 -23.66 -0.17 -6.76
C VAL A 248 -23.34 -1.48 -6.03
N ASP A 249 -23.48 -1.48 -4.71
CA ASP A 249 -23.26 -2.66 -3.84
C ASP A 249 -24.21 -3.79 -4.31
N ARG A 250 -23.73 -5.05 -4.24
CA ARG A 250 -24.49 -6.27 -4.61
C ARG A 250 -25.87 -6.28 -3.93
N THR A 251 -25.90 -5.98 -2.63
CA THR A 251 -27.07 -6.22 -1.73
C THR A 251 -27.68 -4.90 -1.24
N ASP A 252 -26.87 -3.89 -0.89
CA ASP A 252 -27.36 -2.54 -0.50
C ASP A 252 -27.45 -1.66 -1.75
N LEU A 253 -28.64 -1.60 -2.37
CA LEU A 253 -28.86 -0.94 -3.68
C LEU A 253 -28.89 0.59 -3.53
N LYS A 254 -28.79 1.14 -2.33
CA LYS A 254 -28.70 2.61 -2.10
C LYS A 254 -27.26 3.02 -1.73
N LEU A 255 -26.30 2.10 -1.86
CA LEU A 255 -24.85 2.37 -1.60
C LEU A 255 -24.05 2.22 -2.90
N ALA A 256 -23.32 3.26 -3.30
CA ALA A 256 -22.30 3.20 -4.37
C ALA A 256 -20.92 3.08 -3.74
N ARG A 257 -20.17 2.06 -4.15
CA ARG A 257 -18.81 1.77 -3.65
C ARG A 257 -17.81 2.26 -4.71
N VAL A 258 -17.01 3.27 -4.37
CA VAL A 258 -15.91 3.76 -5.24
C VAL A 258 -14.74 2.79 -5.05
N SER A 259 -14.39 1.99 -6.07
CA SER A 259 -13.30 1.00 -5.97
C SER A 259 -11.94 1.73 -6.03
N GLU A 260 -11.91 2.89 -6.68
CA GLU A 260 -10.65 3.60 -7.00
C GLU A 260 -10.96 5.01 -7.47
N LEU A 261 -10.34 6.01 -6.86
CA LEU A 261 -10.36 7.41 -7.34
C LEU A 261 -8.90 7.89 -7.39
N ARG A 262 -8.40 8.20 -8.57
CA ARG A 262 -7.04 8.76 -8.80
C ARG A 262 -7.20 10.15 -9.39
N ALA A 263 -6.82 11.19 -8.64
CA ALA A 263 -6.83 12.60 -9.08
C ALA A 263 -5.43 13.20 -8.91
N VAL A 264 -4.96 13.88 -9.96
CA VAL A 264 -3.60 14.48 -10.07
C VAL A 264 -3.67 15.94 -9.63
N THR A 265 -4.86 16.55 -9.64
CA THR A 265 -5.08 17.96 -9.25
C THR A 265 -6.27 18.06 -8.30
N ALA A 266 -6.32 19.13 -7.50
CA ALA A 266 -7.44 19.44 -6.59
C ALA A 266 -8.73 19.68 -7.40
N ASP A 267 -8.62 20.34 -8.55
CA ASP A 267 -9.78 20.61 -9.43
C ASP A 267 -10.43 19.26 -9.83
N ALA A 268 -9.61 18.27 -10.17
CA ALA A 268 -10.07 16.93 -10.62
C ALA A 268 -10.75 16.21 -9.46
N HIS A 269 -10.13 16.21 -8.28
CA HIS A 269 -10.65 15.57 -7.05
C HIS A 269 -12.03 16.15 -6.75
N CYS A 270 -12.17 17.47 -6.72
CA CYS A 270 -13.45 18.13 -6.40
C CYS A 270 -14.50 17.81 -7.48
N ALA A 271 -14.14 17.91 -8.76
CA ALA A 271 -15.06 17.70 -9.90
C ALA A 271 -15.63 16.29 -9.85
N LEU A 272 -14.79 15.29 -9.55
CA LEU A 272 -15.20 13.88 -9.47
C LEU A 272 -16.19 13.71 -8.32
N TRP A 273 -15.95 14.37 -7.19
CA TRP A 273 -16.81 14.26 -5.99
C TRP A 273 -18.14 14.97 -6.24
N ARG A 274 -18.14 16.08 -6.99
CA ARG A 274 -19.40 16.75 -7.43
C ARG A 274 -20.23 15.74 -8.24
N ALA A 275 -19.60 14.97 -9.12
CA ALA A 275 -20.29 13.96 -9.97
C ALA A 275 -20.82 12.81 -9.09
N LEU A 276 -20.02 12.29 -8.14
CA LEU A 276 -20.42 11.16 -7.28
C LEU A 276 -21.61 11.59 -6.41
N ILE A 277 -21.56 12.79 -5.84
CA ILE A 277 -22.67 13.37 -5.02
C ILE A 277 -23.91 13.57 -5.91
N GLY A 278 -23.75 13.65 -7.24
CA GLY A 278 -24.87 13.71 -8.21
C GLY A 278 -25.49 12.35 -8.50
N LEU A 279 -25.03 11.26 -7.89
CA LEU A 279 -25.69 9.92 -8.03
C LEU A 279 -26.99 9.90 -7.20
N ASP A 280 -28.02 10.56 -7.74
CA ASP A 280 -29.28 10.91 -7.02
C ASP A 280 -30.05 9.65 -6.59
N SER A 281 -29.85 8.49 -7.23
CA SER A 281 -30.51 7.23 -6.82
C SER A 281 -29.84 6.61 -5.58
N MET A 282 -28.64 7.08 -5.18
CA MET A 282 -27.91 6.51 -4.01
C MET A 282 -28.23 7.34 -2.76
N GLU A 283 -28.25 6.70 -1.60
CA GLU A 283 -28.26 7.36 -0.26
C GLU A 283 -26.82 7.67 0.19
N ARG A 284 -25.89 6.75 -0.09
CA ARG A 284 -24.52 6.73 0.50
C ARG A 284 -23.50 6.42 -0.61
N ILE A 285 -22.35 7.10 -0.56
CA ILE A 285 -21.12 6.82 -1.35
C ILE A 285 -20.03 6.42 -0.35
N SER A 286 -19.38 5.28 -0.56
CA SER A 286 -18.25 4.84 0.29
C SER A 286 -16.99 4.75 -0.58
N ILE A 287 -15.85 5.06 0.02
CA ILE A 287 -14.51 4.97 -0.61
C ILE A 287 -13.50 4.57 0.47
N ILE A 288 -12.57 3.69 0.11
CA ILE A 288 -11.36 3.42 0.92
C ILE A 288 -10.28 4.40 0.45
N THR A 289 -9.95 5.38 1.31
CA THR A 289 -9.04 6.51 0.99
C THR A 289 -7.98 6.55 2.09
N HIS A 290 -7.34 7.71 2.27
CA HIS A 290 -6.23 7.94 3.25
C HIS A 290 -6.68 9.01 4.26
N PRO A 291 -6.02 9.12 5.44
CA PRO A 291 -6.48 10.04 6.50
C PRO A 291 -6.50 11.53 6.12
N GLN A 292 -5.74 11.95 5.11
CA GLN A 292 -5.64 13.37 4.71
C GLN A 292 -6.50 13.65 3.47
N ASP A 293 -7.44 12.77 3.11
CA ASP A 293 -8.39 13.02 1.98
C ASP A 293 -9.09 14.34 2.26
N PRO A 294 -9.00 15.36 1.37
CA PRO A 294 -9.67 16.65 1.62
C PRO A 294 -11.20 16.66 1.47
N LEU A 295 -11.81 15.54 1.06
CA LEU A 295 -13.29 15.46 0.81
C LEU A 295 -14.08 16.15 1.92
N PRO A 296 -13.87 15.87 3.22
CA PRO A 296 -14.70 16.48 4.27
C PRO A 296 -14.75 18.00 4.16
N HIS A 297 -13.62 18.63 3.81
CA HIS A 297 -13.44 20.11 3.78
C HIS A 297 -14.11 20.72 2.54
N LEU A 298 -14.48 19.90 1.55
CA LEU A 298 -15.23 20.34 0.34
C LEU A 298 -16.70 20.60 0.70
N LEU A 299 -17.20 20.07 1.82
CA LEU A 299 -18.63 20.14 2.18
C LEU A 299 -18.87 21.22 3.24
N THR A 300 -20.10 21.75 3.32
CA THR A 300 -20.54 22.73 4.34
C THR A 300 -20.64 22.02 5.69
N ASP A 301 -20.89 20.71 5.71
CA ASP A 301 -20.91 19.87 6.94
C ASP A 301 -19.83 18.78 6.81
N THR A 302 -18.66 18.99 7.42
CA THR A 302 -17.50 18.06 7.35
C THR A 302 -17.88 16.71 7.96
N ARG A 303 -18.86 16.69 8.85
CA ARG A 303 -19.31 15.48 9.58
C ARG A 303 -19.99 14.48 8.63
N LEU A 304 -20.49 14.94 7.47
CA LEU A 304 -21.19 14.06 6.50
C LEU A 304 -20.23 13.02 5.90
N ALA A 305 -18.93 13.34 5.81
CA ALA A 305 -17.86 12.41 5.38
C ALA A 305 -17.40 11.64 6.61
N ARG A 306 -18.14 10.58 6.96
CA ARG A 306 -18.01 9.78 8.19
C ARG A 306 -16.92 8.71 7.98
N THR A 307 -15.96 8.61 8.91
CA THR A 307 -14.98 7.49 8.94
C THR A 307 -15.67 6.25 9.50
N THR A 308 -15.91 5.26 8.64
CA THR A 308 -16.69 4.04 8.98
C THR A 308 -15.74 2.87 9.24
N TRP A 309 -14.46 2.99 8.91
CA TRP A 309 -13.47 1.88 8.98
C TRP A 309 -12.07 2.46 8.84
N ARG A 310 -11.11 1.91 9.59
CA ARG A 310 -9.67 2.28 9.54
C ARG A 310 -8.84 1.03 9.76
N GLN A 311 -7.83 0.81 8.91
CA GLN A 311 -6.96 -0.39 8.99
C GLN A 311 -5.60 -0.06 8.37
N ASP A 312 -4.56 -0.76 8.83
CA ASP A 312 -3.24 -0.84 8.16
C ASP A 312 -3.48 -1.18 6.68
N GLY A 313 -2.74 -0.55 5.77
CA GLY A 313 -2.71 -0.91 4.34
C GLY A 313 -1.42 -1.64 3.98
N LEU A 314 -0.48 -0.95 3.35
CA LEU A 314 0.81 -1.55 2.94
C LEU A 314 1.72 -1.66 4.16
N TRP A 315 2.39 -2.80 4.30
CA TRP A 315 3.45 -3.07 5.32
C TRP A 315 4.81 -3.04 4.61
N LEU A 316 5.84 -2.51 5.27
CA LEU A 316 7.21 -2.41 4.70
C LEU A 316 8.21 -3.14 5.59
N ARG A 317 9.09 -3.92 4.97
CA ARG A 317 10.33 -4.40 5.63
C ARG A 317 11.51 -3.74 4.94
N ILE A 318 12.24 -2.90 5.67
CA ILE A 318 13.51 -2.29 5.19
C ILE A 318 14.53 -3.42 5.15
N MET A 319 15.02 -3.81 3.96
CA MET A 319 15.97 -4.93 3.76
C MET A 319 17.40 -4.42 3.98
N ASN A 320 17.70 -3.22 3.48
CA ASN A 320 19.02 -2.55 3.57
C ASN A 320 18.79 -1.16 4.17
N VAL A 321 19.15 -0.98 5.44
CA VAL A 321 18.83 0.27 6.19
C VAL A 321 19.46 1.47 5.50
N PRO A 322 20.79 1.50 5.25
CA PRO A 322 21.43 2.70 4.69
C PRO A 322 20.94 3.02 3.26
N ALA A 323 20.73 2.01 2.42
CA ALA A 323 20.21 2.19 1.05
C ALA A 323 18.82 2.85 1.13
N ALA A 324 17.92 2.33 1.95
CA ALA A 324 16.53 2.85 2.06
C ALA A 324 16.58 4.28 2.62
N LEU A 325 17.36 4.52 3.68
CA LEU A 325 17.36 5.85 4.36
C LEU A 325 18.00 6.90 3.45
N GLU A 326 19.00 6.54 2.64
CA GLU A 326 19.67 7.49 1.72
C GLU A 326 18.77 7.75 0.51
N ALA A 327 17.90 6.81 0.14
CA ALA A 327 17.14 6.87 -1.13
C ALA A 327 15.98 7.88 -1.04
N ARG A 328 15.27 7.98 0.09
CA ARG A 328 14.07 8.84 0.17
C ARG A 328 14.50 10.30 0.40
N GLY A 329 13.61 11.24 0.07
CA GLY A 329 13.75 12.67 0.40
C GLY A 329 13.20 12.95 1.79
N TYR A 330 13.71 13.99 2.44
CA TYR A 330 13.33 14.43 3.81
C TYR A 330 12.86 15.89 3.73
N ALA A 331 12.08 16.32 4.72
CA ALA A 331 11.52 17.69 4.80
C ALA A 331 12.66 18.70 4.80
N HIS A 332 12.57 19.73 3.96
CA HIS A 332 13.59 20.80 3.90
C HIS A 332 13.40 21.77 5.07
N GLU A 333 12.27 21.70 5.77
CA GLU A 333 11.98 22.65 6.86
C GLU A 333 12.91 22.37 8.06
N VAL A 334 13.34 21.14 8.24
CA VAL A 334 14.17 20.86 9.44
C VAL A 334 15.62 21.20 9.11
N GLY A 335 16.30 21.86 10.03
CA GLY A 335 17.72 22.21 9.87
C GLY A 335 18.59 20.98 9.96
N GLU A 336 19.76 21.02 9.32
CA GLU A 336 20.75 19.90 9.34
C GLU A 336 20.90 19.39 10.77
N PHE A 337 20.89 18.07 10.96
CA PHE A 337 21.21 17.40 12.25
C PHE A 337 21.86 16.04 11.98
N SER A 338 22.61 15.56 12.98
CA SER A 338 23.30 14.25 12.98
C SER A 338 22.84 13.47 14.20
N THR A 339 22.76 12.15 14.08
CA THR A 339 22.44 11.24 15.20
C THR A 339 23.07 9.89 14.92
N VAL A 340 22.94 8.97 15.86
CA VAL A 340 23.35 7.54 15.73
C VAL A 340 22.09 6.70 15.94
N LEU A 341 21.67 6.02 14.88
CA LEU A 341 20.48 5.12 14.83
C LEU A 341 20.95 3.67 14.90
N GLU A 342 20.44 2.91 15.86
CA GLU A 342 20.60 1.44 15.91
C GLU A 342 19.27 0.77 15.58
N VAL A 343 19.28 -0.11 14.58
CA VAL A 343 18.17 -1.05 14.29
C VAL A 343 18.52 -2.38 14.96
N SER A 344 17.65 -2.90 15.81
CA SER A 344 17.82 -4.22 16.49
C SER A 344 18.21 -5.27 15.45
N ASP A 345 19.43 -5.79 15.50
CA ASP A 345 19.97 -6.81 14.54
C ASP A 345 19.86 -6.30 13.10
N GLY A 346 19.99 -4.98 12.88
CA GLY A 346 19.94 -4.38 11.53
C GLY A 346 21.09 -3.42 11.28
N GLY A 347 21.98 -3.23 12.26
CA GLY A 347 23.17 -2.38 12.17
C GLY A 347 23.02 -1.08 12.95
N ARG A 348 24.14 -0.40 13.17
CA ARG A 348 24.19 0.95 13.79
C ARG A 348 24.81 1.92 12.79
N PHE A 349 24.21 3.10 12.65
CA PHE A 349 24.53 4.07 11.58
C PHE A 349 24.64 5.49 12.13
N ALA A 350 25.65 6.20 11.65
CA ALA A 350 25.72 7.68 11.70
C ALA A 350 24.77 8.23 10.63
N LEU A 351 23.68 8.86 11.05
CA LEU A 351 22.63 9.40 10.17
C LEU A 351 22.70 10.93 10.23
N LYS A 352 23.00 11.54 9.09
CA LYS A 352 23.07 13.01 8.91
C LYS A 352 21.99 13.41 7.91
N ILE A 353 21.07 14.28 8.31
CA ILE A 353 19.93 14.75 7.47
C ILE A 353 20.03 16.27 7.32
N GLY A 354 20.06 16.75 6.08
CA GLY A 354 20.11 18.20 5.77
C GLY A 354 19.83 18.44 4.30
N ASP A 355 19.26 19.60 3.96
CA ASP A 355 18.91 19.98 2.56
C ASP A 355 18.02 18.89 1.94
N GLY A 356 17.17 18.25 2.75
CA GLY A 356 16.23 17.22 2.33
C GLY A 356 16.88 15.91 1.92
N ARG A 357 18.15 15.67 2.30
CA ARG A 357 18.88 14.41 1.95
C ARG A 357 19.49 13.81 3.22
N ALA A 358 19.65 12.48 3.24
CA ALA A 358 20.27 11.72 4.34
C ALA A 358 21.56 11.07 3.84
N ARG A 359 22.59 11.09 4.68
CA ARG A 359 23.79 10.23 4.58
C ARG A 359 23.79 9.30 5.79
N CYS A 360 24.02 8.01 5.58
CA CYS A 360 23.79 6.92 6.56
C CYS A 360 24.97 5.95 6.48
N THR A 361 25.95 6.05 7.41
CA THR A 361 27.26 5.34 7.33
C THR A 361 27.47 4.46 8.58
N PRO A 362 28.21 3.33 8.47
CA PRO A 362 28.47 2.45 9.61
C PRO A 362 29.21 3.21 10.73
N THR A 363 28.88 2.91 11.99
CA THR A 363 29.56 3.49 13.17
C THR A 363 29.48 2.52 14.34
N ASP A 364 30.44 2.57 15.25
CA ASP A 364 30.37 1.87 16.56
C ASP A 364 30.15 2.91 17.67
N ALA A 365 29.95 4.19 17.34
CA ALA A 365 29.60 5.25 18.33
C ALA A 365 28.32 4.83 19.09
N ALA A 366 28.15 5.32 20.32
CA ALA A 366 26.95 5.10 21.16
C ALA A 366 25.67 5.46 20.39
N ALA A 367 24.67 4.60 20.43
CA ALA A 367 23.34 4.84 19.83
C ALA A 367 22.64 5.99 20.57
N GLU A 368 22.02 6.91 19.84
CA GLU A 368 21.14 7.97 20.40
C GLU A 368 19.67 7.58 20.22
N ILE A 369 19.39 6.68 19.26
CA ILE A 369 18.04 6.19 18.87
C ILE A 369 18.14 4.69 18.66
N GLU A 370 17.25 3.90 19.25
CA GLU A 370 17.14 2.44 18.98
C GLU A 370 15.69 2.10 18.61
N MET A 371 15.52 1.19 17.66
CA MET A 371 14.17 0.68 17.25
C MET A 371 14.33 -0.67 16.53
N ASP A 372 13.31 -1.53 16.62
CA ASP A 372 13.23 -2.76 15.81
C ASP A 372 13.08 -2.37 14.34
N ARG A 373 13.42 -3.27 13.41
CA ARG A 373 13.34 -3.03 11.96
C ARG A 373 11.90 -2.67 11.54
N ASP A 374 10.89 -3.28 12.15
CA ASP A 374 9.46 -3.06 11.77
C ASP A 374 9.11 -1.59 11.99
N VAL A 375 9.66 -0.98 13.04
CA VAL A 375 9.34 0.41 13.43
C VAL A 375 9.85 1.35 12.33
N LEU A 376 11.03 1.08 11.78
CA LEU A 376 11.61 1.93 10.71
C LEU A 376 10.68 1.88 9.49
N GLY A 377 10.17 0.69 9.14
CA GLY A 377 9.19 0.54 8.05
C GLY A 377 7.97 1.43 8.26
N SER A 378 7.43 1.47 9.49
CA SER A 378 6.26 2.30 9.87
C SER A 378 6.56 3.80 9.72
N LEU A 379 7.81 4.22 9.94
CA LEU A 379 8.23 5.65 9.87
C LEU A 379 8.47 6.07 8.41
N TYR A 380 8.81 5.11 7.54
CA TYR A 380 9.56 5.36 6.29
C TYR A 380 8.75 6.17 5.27
N LEU A 381 7.43 5.98 5.16
CA LEU A 381 6.57 6.72 4.17
C LEU A 381 5.88 7.91 4.84
N GLY A 382 6.08 8.11 6.15
CA GLY A 382 5.53 9.27 6.89
C GLY A 382 4.14 9.03 7.49
N ALA A 383 3.62 7.81 7.53
CA ALA A 383 2.26 7.51 8.02
C ALA A 383 2.18 7.52 9.55
N HIS A 384 3.30 7.29 10.24
CA HIS A 384 3.37 7.22 11.73
C HIS A 384 4.47 8.17 12.20
N ARG A 385 4.20 8.92 13.27
CA ARG A 385 5.16 9.89 13.86
C ARG A 385 6.11 9.16 14.80
N ALA A 386 7.41 9.48 14.73
CA ALA A 386 8.45 8.99 15.65
C ALA A 386 7.98 9.20 17.10
N SER A 387 7.38 10.36 17.39
CA SER A 387 6.91 10.75 18.75
C SER A 387 5.84 9.76 19.25
N THR A 388 4.94 9.33 18.38
CA THR A 388 3.85 8.38 18.75
C THR A 388 4.46 7.01 19.06
N LEU A 389 5.38 6.54 18.22
CA LEU A 389 6.08 5.25 18.41
C LEU A 389 6.93 5.31 19.69
N ALA A 390 7.57 6.46 19.95
CA ALA A 390 8.37 6.67 21.18
C ALA A 390 7.46 6.53 22.41
N ALA A 391 6.23 7.04 22.34
CA ALA A 391 5.29 7.03 23.49
C ALA A 391 4.88 5.58 23.81
N ALA A 392 5.04 4.64 22.88
CA ALA A 392 4.74 3.21 23.08
C ALA A 392 6.02 2.44 23.39
N ASN A 393 7.15 3.15 23.43
CA ASN A 393 8.51 2.60 23.70
C ASN A 393 8.93 1.64 22.57
N ARG A 394 8.38 1.78 21.35
CA ARG A 394 8.85 1.03 20.15
C ARG A 394 10.10 1.71 19.59
N LEU A 395 10.25 3.00 19.90
CA LEU A 395 11.37 3.89 19.51
C LEU A 395 11.91 4.52 20.79
N ARG A 396 13.22 4.41 21.03
CA ARG A 396 13.85 4.71 22.34
C ARG A 396 15.00 5.69 22.14
N THR A 397 14.85 6.87 22.73
CA THR A 397 15.86 7.96 22.80
C THR A 397 15.66 8.70 24.12
N LYS A 398 16.72 9.35 24.63
CA LYS A 398 16.71 10.19 25.86
C LYS A 398 16.59 11.66 25.46
N ASP A 399 16.62 11.96 24.15
CA ASP A 399 16.64 13.33 23.60
C ASP A 399 15.27 13.65 22.97
N SER A 400 14.45 14.51 23.60
CA SER A 400 13.13 14.92 23.06
C SER A 400 13.30 15.83 21.85
N GLN A 401 14.37 16.63 21.79
CA GLN A 401 14.73 17.48 20.61
C GLN A 401 15.00 16.59 19.38
N LEU A 402 15.75 15.51 19.55
CA LEU A 402 16.02 14.52 18.47
C LEU A 402 14.70 13.98 17.93
N LEU A 403 13.78 13.61 18.84
CA LEU A 403 12.43 13.07 18.51
C LEU A 403 11.68 14.07 17.61
N ARG A 404 11.63 15.35 18.00
CA ARG A 404 10.94 16.41 17.21
C ARG A 404 11.60 16.52 15.83
N ARG A 405 12.93 16.45 15.77
CA ARG A 405 13.68 16.56 14.49
C ARG A 405 13.37 15.36 13.58
N LEU A 406 13.36 14.15 14.12
CA LEU A 406 12.99 12.93 13.35
C LEU A 406 11.56 13.04 12.82
N ASP A 407 10.60 13.42 13.68
CA ASP A 407 9.18 13.65 13.32
C ASP A 407 9.10 14.54 12.08
N ALA A 408 9.75 15.71 12.12
CA ALA A 408 9.69 16.73 11.04
C ALA A 408 10.37 16.18 9.78
N ALA A 409 11.55 15.56 9.94
CA ALA A 409 12.39 15.11 8.80
C ALA A 409 11.65 14.04 8.01
N PHE A 410 11.08 13.05 8.72
CA PHE A 410 10.46 11.84 8.10
C PHE A 410 9.05 12.17 7.58
N ALA A 411 8.46 13.30 7.96
CA ALA A 411 7.13 13.73 7.46
C ALA A 411 7.19 13.86 5.95
N SER A 412 6.10 13.51 5.27
CA SER A 412 5.93 13.62 3.80
C SER A 412 5.09 14.86 3.46
N ASP A 413 5.62 15.71 2.58
CA ASP A 413 4.93 16.89 1.99
C ASP A 413 3.59 16.41 1.35
N VAL A 414 3.65 15.39 0.51
CA VAL A 414 2.46 14.77 -0.16
C VAL A 414 2.02 13.60 0.70
N PRO A 415 0.76 13.61 1.20
CA PRO A 415 0.28 12.55 2.09
C PRO A 415 0.41 11.15 1.45
N VAL A 416 0.82 10.18 2.26
CA VAL A 416 1.01 8.76 1.83
C VAL A 416 -0.36 8.14 1.55
N GLN A 417 -0.49 7.46 0.41
CA GLN A 417 -1.73 6.78 -0.03
C GLN A 417 -1.40 5.31 -0.32
N THR A 418 -2.42 4.48 -0.49
CA THR A 418 -2.29 3.04 -0.82
C THR A 418 -2.75 2.85 -2.25
N ALA A 419 -1.92 2.20 -3.07
CA ALA A 419 -2.10 2.11 -4.53
C ALA A 419 -3.16 1.03 -4.84
N PHE A 420 -2.79 -0.23 -4.71
CA PHE A 420 -3.66 -1.39 -4.98
C PHE A 420 -3.11 -2.54 -4.15
N GLU A 421 -4.01 -3.40 -3.66
CA GLU A 421 -3.67 -4.56 -2.81
C GLU A 421 -3.05 -5.62 -3.72
N PHE A 422 -2.13 -6.41 -3.18
CA PHE A 422 -1.43 -7.49 -3.90
C PHE A 422 -1.18 -8.62 -2.91
#